data_5RHW
#
_entry.id   5RHW
#
_cell.length_a   53.450
_cell.length_b   68.610
_cell.length_c   56.960
_cell.angle_alpha   90.000
_cell.angle_beta   92.580
_cell.angle_gamma   90.000
#
_symmetry.space_group_name_H-M   'P 1 21 1'
#
loop_
_entity.id
_entity.type
_entity.pdbx_description
1 polymer 'NS3 Helicase'
2 non-polymer 1,2-ETHANEDIOL
3 non-polymer 'PHOSPHATE ION'
4 non-polymer (4S)-2-METHYL-2,4-PENTANEDIOL
5 non-polymer ~{N},~{N},5,6-tetramethylthieno[2,3-d]pyrimidin-4-amine
6 water water
#
_entity_poly.entity_id   1
_entity_poly.type   'polypeptide(L)'
_entity_poly.pdbx_seq_one_letter_code
;MLKKKQLTVLDLHPGAGKTRRVLPEIVREAIKKRLRTVILAPTRVVAAEMEEALRGLPVRYMTTAVNVTHSGTEIVDLMC
HATFTSRLLQPIRVPNYNLNIMDEAHFTDPSSIAARGYISTRVEMGEAAAIFMTATPPGTRDAFPDSNSPIMDTEVEVPE
RAWSSGFDWVTDHSGKTVWFVPSVRNGNEIAACLTKAGKRVIQLSRKTFETEFQKTKNQEWDFVITTDISEMGANFKADR
VIDSRRCLKPVILDGERVILAGPMPVTHASAAQRRGRIGRNPNKPGDEYMYGGGCAETDEGHAHWLEARMLLDNIYLQDG
LIASLYRPEADKVAAIEGEFKLRTEQRKTFVELMKRGDLPVWLAYQVASAGITYTDRRWCFDGTTNNTIMEDSVPAEVWT
KYGEKRVLKPRWMDARVCSDHAALKSFKEFAAGKR
;
_entity_poly.pdbx_strand_id   A
#
# COMPACT_ATOMS: atom_id res chain seq x y z
N MET A 1 -19.78 18.62 -5.49
CA MET A 1 -18.39 18.18 -5.13
C MET A 1 -17.36 18.87 -6.05
N LEU A 2 -17.77 19.25 -7.28
CA LEU A 2 -16.84 19.51 -8.41
C LEU A 2 -16.37 20.98 -8.44
N LYS A 3 -16.86 21.84 -7.53
CA LYS A 3 -16.44 23.26 -7.28
C LYS A 3 -14.97 23.33 -6.86
N LYS A 4 -14.19 24.20 -7.51
CA LYS A 4 -12.76 24.42 -7.15
C LYS A 4 -12.69 24.68 -5.65
N LYS A 5 -11.49 24.56 -5.09
CA LYS A 5 -11.21 24.76 -3.64
C LYS A 5 -12.10 23.83 -2.79
N GLN A 6 -12.69 22.75 -3.32
CA GLN A 6 -13.42 21.78 -2.42
C GLN A 6 -12.67 20.43 -2.37
N LEU A 7 -12.43 19.93 -1.16
CA LEU A 7 -12.06 18.51 -0.94
C LEU A 7 -13.22 17.82 -0.23
N THR A 8 -13.84 16.86 -0.91
CA THR A 8 -14.94 16.03 -0.38
C THR A 8 -14.42 14.66 0.02
N VAL A 9 -14.76 14.21 1.21
CA VAL A 9 -14.48 12.83 1.68
C VAL A 9 -15.79 12.07 1.48
N LEU A 10 -15.82 11.19 0.50
CA LEU A 10 -16.94 10.29 0.19
C LEU A 10 -16.72 9.03 1.02
N ASP A 11 -17.39 8.99 2.19
CA ASP A 11 -17.16 8.04 3.30
C ASP A 11 -18.35 7.07 3.43
N LEU A 12 -19.04 6.76 2.34
CA LEU A 12 -20.08 5.70 2.39
C LEU A 12 -19.40 4.41 2.91
N HIS A 13 -20.13 3.60 3.65
CA HIS A 13 -19.61 2.33 4.21
C HIS A 13 -19.03 1.40 3.14
N PRO A 14 -18.17 0.44 3.54
CA PRO A 14 -17.62 -0.54 2.61
C PRO A 14 -18.74 -1.30 1.86
N GLY A 15 -18.61 -1.41 0.54
CA GLY A 15 -19.62 -2.03 -0.33
C GLY A 15 -20.84 -1.15 -0.63
N ALA A 16 -20.87 0.13 -0.25
CA ALA A 16 -22.01 1.03 -0.53
C ALA A 16 -22.10 1.40 -2.03
N GLY A 17 -21.08 1.10 -2.82
CA GLY A 17 -21.06 1.34 -4.28
C GLY A 17 -20.27 2.57 -4.69
N LYS A 18 -19.35 3.03 -3.85
CA LYS A 18 -18.49 4.22 -4.21
C LYS A 18 -17.84 3.96 -5.58
N THR A 19 -17.26 2.79 -5.79
CA THR A 19 -16.46 2.54 -7.02
C THR A 19 -17.39 2.26 -8.20
N ARG A 20 -18.46 1.47 -8.03
CA ARG A 20 -19.22 0.97 -9.20
C ARG A 20 -20.42 1.87 -9.53
N ARG A 21 -20.94 2.66 -8.59
CA ARG A 21 -22.15 3.47 -8.83
C ARG A 21 -21.80 4.95 -8.77
N VAL A 22 -21.11 5.41 -7.72
CA VAL A 22 -20.88 6.87 -7.53
C VAL A 22 -19.79 7.33 -8.51
N LEU A 23 -18.67 6.62 -8.57
CA LEU A 23 -17.53 7.10 -9.41
C LEU A 23 -17.98 7.36 -10.85
N PRO A 24 -18.76 6.48 -11.55
CA PRO A 24 -19.11 6.77 -12.93
C PRO A 24 -19.95 8.06 -13.06
N GLU A 25 -20.84 8.30 -12.10
CA GLU A 25 -21.64 9.55 -12.03
C GLU A 25 -20.70 10.76 -11.90
N ILE A 26 -19.68 10.70 -11.03
CA ILE A 26 -18.73 11.82 -10.88
C ILE A 26 -18.01 12.06 -12.21
N VAL A 27 -17.53 10.97 -12.82
CA VAL A 27 -16.76 11.09 -14.07
C VAL A 27 -17.64 11.65 -15.18
N ARG A 28 -18.88 11.21 -15.31
CA ARG A 28 -19.79 11.79 -16.32
C ARG A 28 -19.94 13.29 -16.11
N GLU A 29 -20.17 13.72 -14.88
CA GLU A 29 -20.36 15.17 -14.56
C GLU A 29 -19.07 15.92 -14.85
N ALA A 30 -17.92 15.34 -14.55
CA ALA A 30 -16.61 15.98 -14.79
C ALA A 30 -16.42 16.25 -16.26
N ILE A 31 -16.73 15.26 -17.09
CA ILE A 31 -16.57 15.37 -18.56
C ILE A 31 -17.52 16.46 -19.06
N LYS A 32 -18.77 16.47 -18.61
CA LYS A 32 -19.78 17.52 -18.99
C LYS A 32 -19.17 18.90 -18.70
N LYS A 33 -18.50 19.04 -17.55
CA LYS A 33 -17.96 20.34 -17.10
C LYS A 33 -16.57 20.63 -17.65
N ARG A 34 -16.01 19.79 -18.54
CA ARG A 34 -14.66 19.92 -19.13
C ARG A 34 -13.64 20.11 -18.01
N LEU A 35 -13.74 19.30 -16.94
CA LEU A 35 -12.69 19.23 -15.87
C LEU A 35 -11.66 18.16 -16.28
N ARG A 36 -10.42 18.57 -16.47
CA ARG A 36 -9.30 17.62 -16.61
C ARG A 36 -9.21 16.87 -15.28
N THR A 37 -9.43 15.56 -15.34
CA THR A 37 -9.68 14.73 -14.13
C THR A 37 -8.64 13.64 -14.04
N VAL A 38 -8.15 13.36 -12.84
CA VAL A 38 -7.36 12.14 -12.60
C VAL A 38 -8.14 11.27 -11.63
N ILE A 39 -8.11 9.96 -11.90
CA ILE A 39 -8.66 8.91 -11.01
C ILE A 39 -7.45 8.06 -10.60
N LEU A 40 -7.26 7.91 -9.30
CA LEU A 40 -6.10 7.22 -8.69
C LEU A 40 -6.57 5.94 -8.07
N ALA A 41 -6.13 4.81 -8.63
CA ALA A 41 -6.44 3.45 -8.13
C ALA A 41 -5.29 3.00 -7.26
N PRO A 42 -5.54 2.32 -6.12
CA PRO A 42 -4.42 1.87 -5.29
C PRO A 42 -3.58 0.78 -5.96
N THR A 43 -4.19 -0.08 -6.76
CA THR A 43 -3.51 -1.26 -7.35
C THR A 43 -3.95 -1.44 -8.80
N ARG A 44 -3.16 -2.21 -9.56
N ARG A 44 -3.20 -2.25 -9.54
CA ARG A 44 -3.48 -2.58 -10.95
CA ARG A 44 -3.48 -2.56 -10.95
C ARG A 44 -4.81 -3.34 -10.94
C ARG A 44 -4.75 -3.43 -11.00
N VAL A 45 -5.02 -4.20 -9.94
CA VAL A 45 -6.27 -4.99 -9.83
C VAL A 45 -7.44 -4.03 -9.77
N VAL A 46 -7.43 -3.02 -8.88
CA VAL A 46 -8.54 -2.03 -8.80
C VAL A 46 -8.65 -1.29 -10.13
N ALA A 47 -7.53 -0.90 -10.73
CA ALA A 47 -7.53 -0.19 -12.02
C ALA A 47 -8.39 -0.96 -13.03
N ALA A 48 -8.14 -2.26 -13.16
CA ALA A 48 -8.90 -3.16 -14.07
C ALA A 48 -10.39 -3.22 -13.71
N GLU A 49 -10.75 -3.26 -12.42
CA GLU A 49 -12.17 -3.24 -11.97
C GLU A 49 -12.82 -1.90 -12.29
N MET A 50 -12.06 -0.81 -12.16
CA MET A 50 -12.58 0.52 -12.51
C MET A 50 -12.88 0.58 -14.01
N GLU A 51 -12.02 0.00 -14.85
CA GLU A 51 -12.29 0.01 -16.29
C GLU A 51 -13.67 -0.63 -16.51
N GLU A 52 -14.00 -1.68 -15.77
CA GLU A 52 -15.31 -2.36 -15.93
C GLU A 52 -16.45 -1.41 -15.51
N ALA A 53 -16.27 -0.69 -14.41
CA ALA A 53 -17.27 0.27 -13.85
C ALA A 53 -17.44 1.45 -14.77
N LEU A 54 -16.38 1.84 -15.47
CA LEU A 54 -16.36 3.08 -16.29
C LEU A 54 -16.50 2.72 -17.77
N ARG A 55 -16.76 1.46 -18.10
CA ARG A 55 -16.62 0.99 -19.50
C ARG A 55 -17.47 1.85 -20.44
N GLY A 56 -16.88 2.31 -21.55
CA GLY A 56 -17.59 3.18 -22.51
C GLY A 56 -17.34 4.67 -22.28
N LEU A 57 -17.14 5.09 -21.01
CA LEU A 57 -16.72 6.47 -20.68
C LEU A 57 -15.33 6.71 -21.26
N PRO A 58 -15.09 7.92 -21.80
CA PRO A 58 -13.81 8.28 -22.37
C PRO A 58 -12.76 8.55 -21.27
N VAL A 59 -12.03 7.50 -20.92
CA VAL A 59 -11.04 7.53 -19.82
C VAL A 59 -9.76 6.97 -20.42
N ARG A 60 -8.63 7.66 -20.20
CA ARG A 60 -7.27 7.21 -20.59
C ARG A 60 -6.70 6.40 -19.42
N TYR A 61 -6.53 5.10 -19.63
CA TYR A 61 -5.97 4.13 -18.66
C TYR A 61 -4.44 4.12 -18.79
N MET A 62 -3.79 4.86 -17.92
CA MET A 62 -2.32 5.09 -17.97
C MET A 62 -1.64 3.94 -17.23
N THR A 63 -1.90 2.72 -17.68
CA THR A 63 -1.47 1.46 -17.03
C THR A 63 -1.60 0.31 -18.03
N THR A 64 -0.67 -0.64 -18.00
CA THR A 64 -0.73 -1.85 -18.88
C THR A 64 -1.72 -2.87 -18.30
N ALA A 65 -2.31 -2.61 -17.13
CA ALA A 65 -3.28 -3.52 -16.47
C ALA A 65 -4.60 -3.58 -17.25
N VAL A 66 -4.84 -2.59 -18.11
CA VAL A 66 -6.05 -2.46 -18.97
C VAL A 66 -5.62 -2.56 -20.44
N ASN A 67 -6.33 -3.38 -21.23
CA ASN A 67 -6.12 -3.47 -22.70
C ASN A 67 -7.27 -2.70 -23.36
N VAL A 68 -7.05 -1.42 -23.71
CA VAL A 68 -8.03 -0.58 -24.47
C VAL A 68 -7.27 0.30 -25.47
N THR A 69 -7.87 0.48 -26.65
CA THR A 69 -7.43 1.46 -27.67
C THR A 69 -8.12 2.79 -27.36
N HIS A 70 -7.34 3.81 -27.02
CA HIS A 70 -7.79 5.17 -26.61
C HIS A 70 -8.13 6.00 -27.86
N SER A 71 -9.06 6.96 -27.71
CA SER A 71 -9.45 7.90 -28.79
C SER A 71 -8.33 8.90 -29.01
N GLY A 72 -7.60 9.24 -27.96
CA GLY A 72 -6.68 10.41 -27.91
C GLY A 72 -7.42 11.68 -27.49
N THR A 73 -8.72 11.59 -27.17
CA THR A 73 -9.60 12.74 -26.80
C THR A 73 -10.21 12.57 -25.39
N GLU A 74 -9.56 11.79 -24.54
CA GLU A 74 -9.99 11.67 -23.14
C GLU A 74 -9.44 12.87 -22.38
N ILE A 75 -10.26 13.45 -21.52
CA ILE A 75 -9.77 14.46 -20.55
C ILE A 75 -9.80 13.87 -19.13
N VAL A 76 -10.09 12.58 -19.02
CA VAL A 76 -10.04 11.85 -17.72
C VAL A 76 -8.92 10.80 -17.80
N ASP A 77 -7.99 10.86 -16.87
CA ASP A 77 -6.86 9.93 -16.79
C ASP A 77 -7.10 9.02 -15.61
N LEU A 78 -6.73 7.74 -15.75
CA LEU A 78 -6.71 6.82 -14.60
C LEU A 78 -5.29 6.26 -14.46
N MET A 79 -4.74 6.32 -13.26
CA MET A 79 -3.44 5.71 -13.00
C MET A 79 -3.41 5.25 -11.54
N CYS A 80 -2.41 4.48 -11.19
CA CYS A 80 -2.23 4.04 -9.77
C CYS A 80 -1.77 5.19 -8.90
N HIS A 81 -2.11 5.16 -7.62
CA HIS A 81 -1.54 6.16 -6.65
C HIS A 81 -0.03 6.30 -6.87
N ALA A 82 0.70 5.19 -6.97
CA ALA A 82 2.18 5.21 -6.98
C ALA A 82 2.67 5.87 -8.26
N THR A 83 1.96 5.64 -9.35
CA THR A 83 2.29 6.20 -10.66
C THR A 83 2.18 7.73 -10.60
N PHE A 84 1.12 8.23 -9.97
CA PHE A 84 0.91 9.68 -9.81
C PHE A 84 2.11 10.30 -9.11
N THR A 85 2.48 9.79 -7.93
CA THR A 85 3.58 10.32 -7.13
C THR A 85 4.90 10.17 -7.90
N SER A 86 5.04 9.07 -8.61
CA SER A 86 6.26 8.78 -9.39
C SER A 86 6.44 9.84 -10.48
N ARG A 87 5.38 10.11 -11.23
CA ARG A 87 5.42 11.11 -12.35
C ARG A 87 5.62 12.52 -11.76
N LEU A 88 5.06 12.82 -10.59
CA LEU A 88 5.31 14.13 -9.95
C LEU A 88 6.81 14.29 -9.68
N LEU A 89 7.46 13.22 -9.21
CA LEU A 89 8.87 13.23 -8.79
C LEU A 89 9.82 13.34 -10.00
N GLN A 90 9.42 12.76 -11.11
CA GLN A 90 10.25 12.72 -12.34
C GLN A 90 10.11 14.01 -13.14
N PRO A 91 11.08 14.23 -14.08
CA PRO A 91 11.13 15.39 -14.94
C PRO A 91 10.15 15.19 -16.09
N ILE A 92 8.89 15.01 -15.72
CA ILE A 92 7.76 14.72 -16.64
C ILE A 92 6.60 15.59 -16.19
N ARG A 93 5.99 16.25 -17.17
CA ARG A 93 4.82 17.14 -17.10
C ARG A 93 3.62 16.32 -16.66
N VAL A 94 3.11 16.66 -15.50
CA VAL A 94 1.85 16.07 -14.96
C VAL A 94 0.84 17.20 -15.05
N PRO A 95 -0.32 17.02 -15.71
CA PRO A 95 -1.28 18.10 -15.83
C PRO A 95 -1.68 18.59 -14.43
N ASN A 96 -2.01 19.87 -14.31
CA ASN A 96 -2.57 20.46 -13.07
C ASN A 96 -4.07 20.11 -13.06
N TYR A 97 -4.40 18.85 -12.75
CA TYR A 97 -5.77 18.31 -12.86
C TYR A 97 -6.72 19.21 -12.09
N ASN A 98 -7.84 19.57 -12.71
CA ASN A 98 -8.91 20.37 -12.06
C ASN A 98 -9.65 19.54 -11.00
N LEU A 99 -9.76 18.23 -11.21
CA LEU A 99 -10.48 17.31 -10.31
C LEU A 99 -9.59 16.07 -10.09
N ASN A 100 -9.38 15.78 -8.82
CA ASN A 100 -8.44 14.75 -8.35
C ASN A 100 -9.27 13.77 -7.54
N ILE A 101 -9.49 12.60 -8.09
CA ILE A 101 -10.29 11.55 -7.42
C ILE A 101 -9.35 10.47 -6.92
N MET A 102 -9.35 10.19 -5.62
CA MET A 102 -8.50 9.10 -5.10
C MET A 102 -9.39 8.00 -4.57
N ASP A 103 -9.40 6.85 -5.23
CA ASP A 103 -10.15 5.68 -4.70
C ASP A 103 -9.27 4.99 -3.66
N GLU A 104 -9.92 4.30 -2.73
CA GLU A 104 -9.28 3.59 -1.59
C GLU A 104 -8.28 4.57 -0.96
N ALA A 105 -8.77 5.75 -0.59
CA ALA A 105 -7.96 6.90 -0.16
C ALA A 105 -7.45 6.70 1.26
N HIS A 106 -7.76 5.55 1.89
CA HIS A 106 -7.18 5.21 3.21
C HIS A 106 -5.77 4.60 3.06
N PHE A 107 -5.32 4.29 1.84
CA PHE A 107 -4.07 3.52 1.62
C PHE A 107 -2.92 4.26 2.32
N THR A 108 -2.12 3.57 3.15
CA THR A 108 -1.08 4.24 3.98
C THR A 108 0.34 3.97 3.42
N ASP A 109 0.46 3.48 2.19
CA ASP A 109 1.80 3.40 1.57
C ASP A 109 2.30 4.83 1.33
N PRO A 110 3.63 5.05 1.40
CA PRO A 110 4.17 6.41 1.31
C PRO A 110 3.69 7.19 0.09
N SER A 111 3.65 6.54 -1.08
CA SER A 111 3.26 7.24 -2.33
C SER A 111 1.79 7.70 -2.24
N SER A 112 0.93 6.95 -1.55
CA SER A 112 -0.51 7.30 -1.39
C SER A 112 -0.60 8.50 -0.44
N ILE A 113 0.13 8.47 0.68
CA ILE A 113 0.11 9.59 1.65
C ILE A 113 0.63 10.85 0.94
N ALA A 114 1.74 10.72 0.20
CA ALA A 114 2.32 11.86 -0.55
C ALA A 114 1.29 12.40 -1.55
N ALA A 115 0.68 11.53 -2.35
CA ALA A 115 -0.37 11.93 -3.31
C ALA A 115 -1.45 12.73 -2.57
N ARG A 116 -1.94 12.28 -1.41
CA ARG A 116 -3.00 13.02 -0.68
C ARG A 116 -2.48 14.40 -0.25
N GLY A 117 -1.22 14.47 0.15
CA GLY A 117 -0.61 15.72 0.61
C GLY A 117 -0.55 16.74 -0.53
N TYR A 118 -0.10 16.27 -1.68
CA TYR A 118 0.02 17.13 -2.87
C TYR A 118 -1.38 17.63 -3.28
N ILE A 119 -2.33 16.71 -3.40
CA ILE A 119 -3.70 17.03 -3.87
C ILE A 119 -4.32 18.00 -2.86
N SER A 120 -4.31 17.68 -1.57
CA SER A 120 -5.00 18.51 -0.56
C SER A 120 -4.32 19.89 -0.53
N THR A 121 -3.03 19.98 -0.82
CA THR A 121 -2.33 21.28 -0.85
C THR A 121 -2.84 22.09 -2.05
N ARG A 122 -2.93 21.48 -3.23
CA ARG A 122 -3.47 22.21 -4.41
C ARG A 122 -4.90 22.68 -4.13
N VAL A 123 -5.72 21.86 -3.47
CA VAL A 123 -7.10 22.29 -3.13
C VAL A 123 -7.03 23.47 -2.16
N GLU A 124 -6.19 23.40 -1.13
CA GLU A 124 -6.03 24.50 -0.14
C GLU A 124 -5.56 25.78 -0.85
N MET A 125 -4.72 25.67 -1.88
CA MET A 125 -4.26 26.82 -2.68
C MET A 125 -5.41 27.42 -3.51
N GLY A 126 -6.53 26.73 -3.66
CA GLY A 126 -7.67 27.20 -4.47
C GLY A 126 -7.53 26.82 -5.94
N GLU A 127 -6.68 25.83 -6.23
CA GLU A 127 -6.23 25.50 -7.60
C GLU A 127 -7.07 24.36 -8.17
N ALA A 128 -7.76 23.57 -7.35
CA ALA A 128 -8.30 22.28 -7.76
C ALA A 128 -9.38 21.83 -6.79
N ALA A 129 -10.16 20.86 -7.22
CA ALA A 129 -11.09 20.08 -6.39
C ALA A 129 -10.56 18.66 -6.21
N ALA A 130 -10.99 18.01 -5.14
CA ALA A 130 -10.56 16.64 -4.86
C ALA A 130 -11.70 15.88 -4.21
N ILE A 131 -11.75 14.60 -4.49
CA ILE A 131 -12.70 13.67 -3.85
C ILE A 131 -11.85 12.50 -3.36
N PHE A 132 -11.83 12.27 -2.05
CA PHE A 132 -11.16 11.10 -1.43
C PHE A 132 -12.26 10.09 -1.10
N MET A 133 -12.24 8.95 -1.79
CA MET A 133 -13.24 7.89 -1.59
C MET A 133 -12.69 6.86 -0.61
N THR A 134 -13.30 6.73 0.56
CA THR A 134 -12.96 5.68 1.55
C THR A 134 -14.04 5.64 2.63
N ALA A 135 -14.35 4.43 3.07
CA ALA A 135 -15.19 4.18 4.27
C ALA A 135 -14.46 4.62 5.53
N THR A 136 -13.13 4.73 5.47
CA THR A 136 -12.31 4.83 6.69
C THR A 136 -11.30 5.96 6.50
N PRO A 137 -11.74 7.22 6.55
CA PRO A 137 -10.81 8.34 6.43
C PRO A 137 -9.80 8.38 7.59
N PRO A 138 -8.68 9.12 7.47
CA PRO A 138 -7.69 9.19 8.55
C PRO A 138 -8.24 9.55 9.93
N GLY A 139 -7.89 8.77 10.95
CA GLY A 139 -8.30 9.04 12.34
C GLY A 139 -9.70 8.50 12.66
N THR A 140 -10.33 7.75 11.74
CA THR A 140 -11.59 7.06 12.07
C THR A 140 -11.36 6.14 13.27
N ARG A 141 -12.35 6.07 14.14
CA ARG A 141 -12.30 5.34 15.43
C ARG A 141 -13.29 4.18 15.44
N ASP A 142 -13.94 3.92 14.31
CA ASP A 142 -15.02 2.91 14.18
C ASP A 142 -14.49 1.71 13.39
N ALA A 143 -14.17 0.62 14.08
CA ALA A 143 -13.72 -0.65 13.45
C ALA A 143 -14.90 -1.46 12.92
N PHE A 144 -16.13 -1.07 13.23
CA PHE A 144 -17.35 -1.87 12.91
C PHE A 144 -18.37 -1.03 12.18
N PRO A 145 -18.03 -0.52 10.99
CA PRO A 145 -19.00 0.27 10.22
C PRO A 145 -20.14 -0.57 9.67
N ASP A 146 -21.14 0.14 9.14
CA ASP A 146 -22.28 -0.51 8.47
C ASP A 146 -21.78 -1.35 7.29
N SER A 147 -22.58 -2.36 6.93
CA SER A 147 -22.31 -3.31 5.84
C SER A 147 -23.61 -3.52 5.06
N ASN A 148 -23.50 -4.13 3.91
CA ASN A 148 -24.66 -4.43 3.04
C ASN A 148 -25.57 -5.46 3.72
N SER A 149 -25.00 -6.44 4.42
CA SER A 149 -25.77 -7.41 5.25
C SER A 149 -25.12 -7.56 6.61
N PRO A 150 -25.90 -7.99 7.62
CA PRO A 150 -25.39 -8.22 8.96
C PRO A 150 -24.15 -9.11 8.98
N ILE A 151 -23.19 -8.71 9.81
CA ILE A 151 -21.95 -9.47 10.10
C ILE A 151 -22.01 -10.02 11.53
N MET A 152 -21.57 -11.25 11.71
CA MET A 152 -21.40 -11.87 13.05
C MET A 152 -19.98 -11.52 13.49
N ASP A 153 -19.83 -10.59 14.43
CA ASP A 153 -18.51 -10.13 14.96
C ASP A 153 -18.17 -10.99 16.19
N THR A 154 -17.06 -11.73 16.20
CA THR A 154 -16.67 -12.54 17.38
C THR A 154 -15.22 -12.22 17.71
N GLU A 155 -14.96 -11.79 18.94
CA GLU A 155 -13.59 -11.70 19.49
C GLU A 155 -13.15 -13.10 19.84
N VAL A 156 -12.05 -13.58 19.28
CA VAL A 156 -11.58 -14.96 19.52
C VAL A 156 -10.05 -14.99 19.40
N GLU A 157 -9.36 -15.90 20.09
CA GLU A 157 -7.93 -16.09 19.92
C GLU A 157 -7.71 -16.66 18.51
N VAL A 158 -6.87 -15.99 17.74
CA VAL A 158 -6.57 -16.37 16.33
C VAL A 158 -5.14 -16.86 16.33
N PRO A 159 -4.87 -18.07 15.77
CA PRO A 159 -3.49 -18.53 15.63
C PRO A 159 -2.64 -17.61 14.77
N GLU A 160 -1.37 -17.41 15.16
CA GLU A 160 -0.31 -16.71 14.38
C GLU A 160 0.86 -17.65 14.10
N ARG A 161 0.68 -18.94 14.41
CA ARG A 161 1.65 -20.03 14.18
C ARG A 161 0.88 -21.29 13.79
N ALA A 162 1.59 -22.29 13.30
CA ALA A 162 1.02 -23.64 13.05
C ALA A 162 0.41 -24.08 14.36
N TRP A 163 -0.72 -24.78 14.30
CA TRP A 163 -1.32 -25.39 15.52
C TRP A 163 -1.65 -26.87 15.27
N SER A 164 -1.74 -27.65 16.35
CA SER A 164 -2.16 -29.08 16.34
C SER A 164 -3.55 -29.24 16.94
N SER A 165 -4.02 -28.28 17.74
CA SER A 165 -5.25 -28.41 18.54
C SER A 165 -5.68 -27.04 19.06
N GLY A 166 -6.93 -26.88 19.47
CA GLY A 166 -7.39 -25.69 20.22
C GLY A 166 -8.07 -24.65 19.35
N PHE A 167 -8.09 -24.87 18.03
CA PHE A 167 -8.67 -23.92 17.03
C PHE A 167 -9.53 -24.69 16.03
N ASP A 168 -10.33 -25.65 16.48
CA ASP A 168 -11.13 -26.49 15.53
C ASP A 168 -12.02 -25.58 14.65
N TRP A 169 -12.50 -24.47 15.20
CA TRP A 169 -13.43 -23.54 14.49
C TRP A 169 -12.80 -23.06 13.18
N VAL A 170 -11.49 -23.01 13.13
CA VAL A 170 -10.79 -22.49 11.91
C VAL A 170 -11.05 -23.46 10.75
N THR A 171 -10.82 -24.76 10.98
CA THR A 171 -10.85 -25.76 9.90
C THR A 171 -12.24 -26.39 9.75
N ASP A 172 -13.10 -26.25 10.75
CA ASP A 172 -14.45 -26.90 10.70
C ASP A 172 -15.38 -26.17 9.73
N HIS A 173 -15.02 -25.00 9.30
CA HIS A 173 -15.78 -24.11 8.40
C HIS A 173 -15.85 -24.68 6.97
N SER A 174 -17.00 -24.62 6.32
CA SER A 174 -17.16 -25.23 4.97
C SER A 174 -17.13 -24.15 3.89
N GLY A 175 -17.09 -22.87 4.27
CA GLY A 175 -17.13 -21.77 3.29
C GLY A 175 -15.74 -21.33 2.88
N LYS A 176 -15.61 -20.06 2.53
CA LYS A 176 -14.35 -19.45 2.06
C LYS A 176 -13.95 -18.37 3.06
N THR A 177 -12.67 -18.37 3.44
CA THR A 177 -12.12 -17.50 4.49
C THR A 177 -11.03 -16.62 3.91
N VAL A 178 -11.10 -15.33 4.19
CA VAL A 178 -9.97 -14.40 3.97
C VAL A 178 -9.33 -14.16 5.32
N TRP A 179 -8.04 -14.44 5.40
CA TRP A 179 -7.32 -14.40 6.70
C TRP A 179 -6.19 -13.38 6.58
N PHE A 180 -6.30 -12.32 7.36
CA PHE A 180 -5.30 -11.22 7.45
C PHE A 180 -4.26 -11.59 8.50
N VAL A 181 -3.03 -11.66 8.04
CA VAL A 181 -1.80 -11.93 8.81
C VAL A 181 -0.92 -10.68 8.85
N PRO A 182 -0.05 -10.58 9.86
CA PRO A 182 0.80 -9.41 9.97
C PRO A 182 2.03 -9.35 9.06
N SER A 183 2.40 -10.47 8.45
CA SER A 183 3.60 -10.52 7.59
C SER A 183 3.49 -11.66 6.60
N VAL A 184 4.24 -11.56 5.52
CA VAL A 184 4.40 -12.71 4.58
C VAL A 184 4.87 -13.95 5.35
N ARG A 185 5.90 -13.83 6.20
CA ARG A 185 6.51 -15.01 6.87
C ARG A 185 5.45 -15.70 7.76
N ASN A 186 4.66 -14.91 8.49
N ASN A 186 4.67 -14.89 8.46
CA ASN A 186 3.58 -15.47 9.36
CA ASN A 186 3.56 -15.38 9.32
C ASN A 186 2.54 -16.17 8.48
C ASN A 186 2.55 -16.15 8.48
N GLY A 187 2.13 -15.57 7.36
CA GLY A 187 1.19 -16.21 6.42
C GLY A 187 1.73 -17.51 5.84
N ASN A 188 3.04 -17.59 5.60
CA ASN A 188 3.67 -18.81 5.03
C ASN A 188 3.45 -19.97 6.02
N GLU A 189 3.65 -19.71 7.32
CA GLU A 189 3.52 -20.76 8.36
C GLU A 189 2.05 -21.19 8.48
N ILE A 190 1.11 -20.25 8.55
CA ILE A 190 -0.33 -20.57 8.68
C ILE A 190 -0.76 -21.31 7.39
N ALA A 191 -0.35 -20.80 6.26
CA ALA A 191 -0.69 -21.44 4.96
C ALA A 191 -0.20 -22.89 4.92
N ALA A 192 1.01 -23.20 5.38
CA ALA A 192 1.59 -24.57 5.36
C ALA A 192 0.75 -25.45 6.30
N CYS A 193 0.31 -24.89 7.44
CA CYS A 193 -0.49 -25.64 8.44
C CYS A 193 -1.86 -26.00 7.81
N LEU A 194 -2.52 -25.04 7.15
CA LEU A 194 -3.83 -25.26 6.53
C LEU A 194 -3.66 -26.24 5.36
N THR A 195 -2.61 -26.09 4.55
CA THR A 195 -2.37 -27.01 3.42
C THR A 195 -2.22 -28.43 3.98
N LYS A 196 -1.47 -28.59 5.05
CA LYS A 196 -1.26 -29.92 5.67
C LYS A 196 -2.62 -30.47 6.13
N ALA A 197 -3.60 -29.64 6.54
CA ALA A 197 -4.91 -30.10 7.01
C ALA A 197 -5.87 -30.33 5.83
N GLY A 198 -5.40 -30.23 4.59
CA GLY A 198 -6.18 -30.50 3.36
C GLY A 198 -6.88 -29.28 2.79
N LYS A 199 -6.51 -28.08 3.23
CA LYS A 199 -7.16 -26.87 2.68
C LYS A 199 -6.40 -26.39 1.45
N ARG A 200 -7.14 -25.75 0.55
CA ARG A 200 -6.57 -25.05 -0.63
C ARG A 200 -6.39 -23.59 -0.25
N VAL A 201 -5.14 -23.15 -0.29
CA VAL A 201 -4.72 -21.83 0.20
C VAL A 201 -4.07 -21.03 -0.91
N ILE A 202 -4.47 -19.77 -1.04
CA ILE A 202 -3.82 -18.74 -1.89
C ILE A 202 -3.23 -17.72 -0.93
N GLN A 203 -1.99 -17.32 -1.16
CA GLN A 203 -1.30 -16.26 -0.39
C GLN A 203 -1.18 -15.01 -1.26
N LEU A 204 -1.52 -13.86 -0.68
CA LEU A 204 -1.41 -12.54 -1.30
C LEU A 204 -0.47 -11.68 -0.45
N SER A 205 0.38 -10.93 -1.13
CA SER A 205 1.19 -9.86 -0.52
C SER A 205 1.43 -8.81 -1.62
N ARG A 206 2.03 -7.67 -1.25
CA ARG A 206 2.23 -6.57 -2.23
C ARG A 206 2.91 -7.11 -3.48
N LYS A 207 4.01 -7.85 -3.33
CA LYS A 207 4.90 -8.23 -4.46
C LYS A 207 4.17 -9.22 -5.38
N THR A 208 3.26 -10.02 -4.85
CA THR A 208 2.63 -11.13 -5.61
C THR A 208 1.19 -10.76 -5.99
N PHE A 209 0.70 -9.60 -5.56
CA PHE A 209 -0.77 -9.34 -5.53
C PHE A 209 -1.41 -9.58 -6.91
N GLU A 210 -0.89 -9.02 -8.01
CA GLU A 210 -1.69 -9.12 -9.27
C GLU A 210 -1.80 -10.58 -9.71
N THR A 211 -0.67 -11.28 -9.83
CA THR A 211 -0.65 -12.70 -10.29
C THR A 211 -1.52 -13.56 -9.37
N GLU A 212 -1.30 -13.48 -8.06
CA GLU A 212 -1.96 -14.41 -7.12
C GLU A 212 -3.43 -14.05 -7.01
N PHE A 213 -3.82 -12.76 -7.04
CA PHE A 213 -5.25 -12.37 -6.88
C PHE A 213 -6.07 -13.06 -7.96
N GLN A 214 -5.50 -13.23 -9.17
CA GLN A 214 -6.25 -13.88 -10.29
C GLN A 214 -6.66 -15.31 -9.90
N LYS A 215 -5.84 -16.01 -9.12
CA LYS A 215 -6.16 -17.39 -8.66
C LYS A 215 -7.46 -17.40 -7.86
N THR A 216 -7.81 -16.30 -7.20
CA THR A 216 -9.05 -16.27 -6.39
C THR A 216 -10.27 -16.35 -7.30
N LYS A 217 -10.11 -15.98 -8.57
CA LYS A 217 -11.18 -16.08 -9.60
C LYS A 217 -11.08 -17.41 -10.35
N ASN A 218 -9.87 -17.88 -10.65
CA ASN A 218 -9.60 -18.97 -11.63
C ASN A 218 -9.64 -20.35 -10.96
N GLN A 219 -9.50 -20.44 -9.63
CA GLN A 219 -9.47 -21.77 -8.98
C GLN A 219 -10.32 -21.74 -7.73
N GLU A 220 -10.79 -22.92 -7.33
CA GLU A 220 -11.49 -23.09 -6.05
C GLU A 220 -10.44 -23.00 -4.94
N TRP A 221 -10.82 -22.37 -3.86
CA TRP A 221 -9.91 -22.14 -2.70
C TRP A 221 -10.77 -22.21 -1.46
N ASP A 222 -10.13 -22.54 -0.34
CA ASP A 222 -10.75 -22.57 1.00
C ASP A 222 -10.32 -21.33 1.79
N PHE A 223 -9.07 -20.93 1.64
CA PHE A 223 -8.46 -19.78 2.39
C PHE A 223 -7.67 -18.89 1.46
N VAL A 224 -7.81 -17.59 1.66
CA VAL A 224 -6.86 -16.58 1.16
C VAL A 224 -6.10 -16.06 2.40
N ILE A 225 -4.80 -16.22 2.42
CA ILE A 225 -3.91 -15.70 3.48
C ILE A 225 -3.31 -14.44 2.89
N THR A 226 -3.60 -13.31 3.49
CA THR A 226 -3.20 -12.02 2.92
C THR A 226 -2.60 -11.14 4.00
N THR A 227 -1.66 -10.31 3.57
CA THR A 227 -1.22 -9.15 4.33
C THR A 227 -2.25 -8.03 4.14
N ASP A 228 -1.99 -6.90 4.79
CA ASP A 228 -2.81 -5.67 4.78
C ASP A 228 -3.07 -5.16 3.37
N ILE A 229 -2.37 -5.63 2.32
CA ILE A 229 -2.63 -5.09 0.94
C ILE A 229 -4.10 -5.34 0.55
N SER A 230 -4.73 -6.39 1.10
CA SER A 230 -6.13 -6.71 0.71
C SER A 230 -7.13 -5.78 1.38
N GLU A 231 -6.67 -4.81 2.18
CA GLU A 231 -7.51 -3.70 2.69
C GLU A 231 -7.86 -2.72 1.58
N MET A 232 -7.20 -2.82 0.42
CA MET A 232 -7.28 -1.72 -0.59
C MET A 232 -8.21 -2.14 -1.75
N GLY A 233 -9.48 -2.39 -1.44
CA GLY A 233 -10.53 -2.62 -2.43
C GLY A 233 -10.46 -3.99 -3.09
N ALA A 234 -9.70 -4.95 -2.54
CA ALA A 234 -9.65 -6.35 -3.01
C ALA A 234 -10.97 -6.98 -2.66
N ASN A 235 -11.69 -7.56 -3.62
CA ASN A 235 -12.98 -8.22 -3.28
C ASN A 235 -12.92 -9.71 -3.55
N PHE A 236 -13.56 -10.42 -2.64
CA PHE A 236 -13.54 -11.89 -2.59
C PHE A 236 -14.99 -12.33 -2.46
N LYS A 237 -15.29 -13.52 -2.96
CA LYS A 237 -16.60 -14.15 -2.72
C LYS A 237 -16.37 -15.03 -1.50
N ALA A 238 -16.37 -14.43 -0.31
CA ALA A 238 -16.03 -15.13 0.94
C ALA A 238 -17.21 -15.02 1.92
N ASP A 239 -17.29 -15.91 2.89
CA ASP A 239 -18.31 -15.75 3.96
C ASP A 239 -17.64 -15.58 5.33
N ARG A 240 -16.31 -15.50 5.38
CA ARG A 240 -15.64 -15.30 6.67
C ARG A 240 -14.33 -14.51 6.50
N VAL A 241 -14.11 -13.59 7.42
CA VAL A 241 -12.77 -13.01 7.60
C VAL A 241 -12.25 -13.47 8.94
N ILE A 242 -11.03 -13.97 8.94
CA ILE A 242 -10.26 -14.18 10.19
C ILE A 242 -9.23 -13.04 10.23
N ASP A 243 -9.23 -12.27 11.29
CA ASP A 243 -8.36 -11.09 11.36
C ASP A 243 -7.47 -11.21 12.59
N SER A 244 -6.17 -11.43 12.40
CA SER A 244 -5.17 -11.38 13.51
C SER A 244 -5.33 -10.04 14.28
N ARG A 245 -5.77 -8.99 13.59
CA ARG A 245 -5.75 -7.57 14.06
C ARG A 245 -4.33 -7.11 14.33
N ARG A 246 -3.34 -7.68 13.61
CA ARG A 246 -1.92 -7.32 13.81
C ARG A 246 -1.27 -6.92 12.48
N CYS A 247 -0.28 -6.09 12.58
CA CYS A 247 0.51 -5.58 11.44
C CYS A 247 1.94 -5.36 11.91
N LEU A 248 2.83 -5.20 10.97
CA LEU A 248 4.21 -4.75 11.23
C LEU A 248 4.24 -3.24 11.04
N LYS A 249 5.02 -2.58 11.89
CA LYS A 249 5.17 -1.10 11.81
C LYS A 249 6.63 -0.80 11.54
N PRO A 250 6.99 -0.23 10.37
CA PRO A 250 8.36 0.20 10.18
C PRO A 250 8.58 1.42 11.08
N VAL A 251 9.71 1.41 11.77
CA VAL A 251 10.08 2.45 12.77
C VAL A 251 11.52 2.84 12.50
N ILE A 252 11.75 4.12 12.31
CA ILE A 252 13.13 4.66 12.19
C ILE A 252 13.68 4.84 13.61
N LEU A 253 14.77 4.17 13.93
CA LEU A 253 15.46 4.28 15.25
C LEU A 253 16.61 5.27 15.12
N ASP A 254 16.64 6.33 15.92
CA ASP A 254 17.80 7.28 16.00
C ASP A 254 18.17 7.88 14.64
N GLY A 255 17.23 8.10 13.72
CA GLY A 255 17.56 8.57 12.36
C GLY A 255 18.51 7.65 11.57
N GLU A 256 18.80 6.43 12.04
CA GLU A 256 19.98 5.59 11.60
C GLU A 256 19.59 4.26 10.94
N ARG A 257 18.47 3.64 11.34
CA ARG A 257 18.10 2.30 10.85
C ARG A 257 16.57 2.22 10.88
N VAL A 258 16.05 1.26 10.13
CA VAL A 258 14.58 0.97 10.14
C VAL A 258 14.40 -0.47 10.56
N ILE A 259 13.59 -0.67 11.60
CA ILE A 259 13.18 -2.01 12.08
C ILE A 259 11.71 -2.19 11.73
N LEU A 260 11.30 -3.44 11.61
CA LEU A 260 9.89 -3.80 11.48
C LEU A 260 9.43 -4.22 12.87
N ALA A 261 8.77 -3.30 13.59
CA ALA A 261 8.37 -3.45 14.99
C ALA A 261 7.07 -4.22 15.00
N GLY A 262 6.85 -4.97 16.06
CA GLY A 262 5.58 -5.70 16.23
C GLY A 262 5.81 -7.18 16.04
N PRO A 263 4.79 -7.96 15.63
CA PRO A 263 3.50 -7.42 15.24
C PRO A 263 2.78 -6.67 16.36
N MET A 264 1.96 -5.72 15.96
CA MET A 264 1.23 -4.88 16.92
C MET A 264 -0.15 -4.60 16.34
N PRO A 265 -1.06 -4.02 17.14
CA PRO A 265 -2.43 -3.81 16.69
C PRO A 265 -2.53 -2.95 15.43
N VAL A 266 -3.53 -3.29 14.63
CA VAL A 266 -3.90 -2.48 13.45
C VAL A 266 -4.64 -1.23 13.94
N THR A 267 -4.74 -0.25 13.05
CA THR A 267 -5.64 0.91 13.27
C THR A 267 -7.12 0.52 13.16
N HIS A 268 -8.00 1.38 13.63
CA HIS A 268 -9.45 1.14 13.45
C HIS A 268 -9.78 1.10 11.96
N ALA A 269 -9.14 1.98 11.17
CA ALA A 269 -9.36 2.02 9.70
C ALA A 269 -9.02 0.66 9.11
N SER A 270 -7.84 0.12 9.43
CA SER A 270 -7.40 -1.18 8.88
C SER A 270 -8.40 -2.25 9.30
N ALA A 271 -8.79 -2.30 10.57
CA ALA A 271 -9.70 -3.36 11.07
C ALA A 271 -11.02 -3.25 10.32
N ALA A 272 -11.55 -2.04 10.13
CA ALA A 272 -12.83 -1.85 9.40
C ALA A 272 -12.70 -2.33 7.95
N GLN A 273 -11.57 -2.09 7.29
CA GLN A 273 -11.38 -2.52 5.90
C GLN A 273 -11.26 -4.05 5.80
N ARG A 274 -10.60 -4.65 6.77
CA ARG A 274 -10.41 -6.13 6.84
C ARG A 274 -11.79 -6.76 6.99
N ARG A 275 -12.51 -6.33 7.99
CA ARG A 275 -13.89 -6.78 8.23
C ARG A 275 -14.71 -6.53 6.97
N GLY A 276 -14.54 -5.37 6.35
CA GLY A 276 -15.31 -4.88 5.19
C GLY A 276 -15.21 -5.77 3.99
N ARG A 277 -14.31 -6.79 3.99
CA ARG A 277 -14.21 -7.77 2.87
C ARG A 277 -15.46 -8.64 2.85
N ILE A 278 -16.16 -8.76 3.98
CA ILE A 278 -17.38 -9.63 4.03
C ILE A 278 -18.59 -8.79 4.46
N GLY A 279 -19.79 -9.38 4.46
CA GLY A 279 -21.04 -8.66 4.66
C GLY A 279 -21.42 -7.80 3.46
N ARG A 280 -20.87 -8.08 2.27
CA ARG A 280 -20.99 -7.17 1.11
C ARG A 280 -22.21 -7.56 0.26
N ASN A 281 -22.81 -8.71 0.53
CA ASN A 281 -23.94 -9.18 -0.31
C ASN A 281 -25.24 -9.07 0.49
N PRO A 282 -26.17 -8.19 0.10
CA PRO A 282 -27.35 -7.94 0.93
C PRO A 282 -28.20 -9.23 1.05
N ASN A 283 -27.98 -10.20 0.15
CA ASN A 283 -28.72 -11.51 0.10
C ASN A 283 -28.02 -12.60 0.92
N LYS A 284 -26.84 -12.34 1.46
CA LYS A 284 -26.11 -13.35 2.26
C LYS A 284 -25.77 -12.76 3.61
N PRO A 285 -26.76 -12.59 4.52
CA PRO A 285 -26.49 -12.26 5.91
C PRO A 285 -25.70 -13.37 6.63
N GLY A 286 -25.00 -12.99 7.68
CA GLY A 286 -24.34 -13.92 8.61
C GLY A 286 -22.93 -14.28 8.18
N ASP A 287 -22.35 -13.50 7.27
CA ASP A 287 -20.88 -13.56 7.11
C ASP A 287 -20.26 -13.30 8.49
N GLU A 288 -19.11 -13.91 8.73
CA GLU A 288 -18.44 -13.97 10.05
C GLU A 288 -17.17 -13.12 10.02
N TYR A 289 -16.96 -12.36 11.07
CA TYR A 289 -15.70 -11.62 11.31
C TYR A 289 -15.13 -12.09 12.64
N MET A 290 -14.06 -12.87 12.56
CA MET A 290 -13.39 -13.40 13.77
C MET A 290 -12.14 -12.56 14.00
N TYR A 291 -12.02 -11.89 15.14
CA TYR A 291 -10.90 -10.93 15.34
C TYR A 291 -10.15 -11.26 16.61
N GLY A 292 -8.81 -11.22 16.49
CA GLY A 292 -7.88 -11.77 17.50
C GLY A 292 -7.18 -10.71 18.34
N GLY A 293 -7.65 -9.47 18.35
CA GLY A 293 -7.00 -8.40 19.14
C GLY A 293 -7.72 -7.08 19.01
N GLY A 294 -7.31 -6.10 19.80
CA GLY A 294 -7.85 -4.73 19.75
C GLY A 294 -7.18 -3.90 18.68
N CYS A 295 -7.68 -2.68 18.51
CA CYS A 295 -7.08 -1.68 17.60
C CYS A 295 -6.28 -0.69 18.43
N ALA A 296 -5.34 -0.01 17.79
CA ALA A 296 -4.58 1.09 18.39
C ALA A 296 -4.12 2.00 17.25
N GLU A 297 -3.73 3.24 17.53
N GLU A 297 -3.61 3.17 17.63
CA GLU A 297 -3.34 4.15 16.42
CA GLU A 297 -3.13 4.26 16.74
C GLU A 297 -1.82 4.00 16.23
C GLU A 297 -1.68 3.96 16.33
N THR A 298 -1.46 2.88 15.60
CA THR A 298 -0.07 2.42 15.29
C THR A 298 0.46 3.13 14.03
N ASP A 299 -0.32 4.03 13.41
CA ASP A 299 0.21 4.90 12.35
C ASP A 299 1.03 6.04 12.96
N GLU A 300 0.87 6.35 14.24
CA GLU A 300 1.63 7.44 14.89
C GLU A 300 3.09 7.00 14.95
N GLY A 301 3.99 7.74 14.34
CA GLY A 301 5.44 7.42 14.36
C GLY A 301 5.79 6.33 13.36
N HIS A 302 4.85 5.93 12.51
CA HIS A 302 5.06 4.90 11.48
C HIS A 302 5.92 5.53 10.36
N ALA A 303 6.96 4.85 9.91
CA ALA A 303 7.94 5.40 8.94
C ALA A 303 7.26 5.83 7.66
N HIS A 304 6.12 5.27 7.25
CA HIS A 304 5.49 5.67 5.96
C HIS A 304 5.16 7.17 5.91
N TRP A 305 4.83 7.80 7.05
CA TRP A 305 4.49 9.25 7.05
C TRP A 305 5.76 10.10 6.94
N LEU A 306 6.86 9.65 7.50
CA LEU A 306 8.17 10.32 7.31
C LEU A 306 8.60 10.12 5.86
N GLU A 307 8.51 8.88 5.36
CA GLU A 307 8.81 8.64 3.92
C GLU A 307 7.93 9.53 3.01
N ALA A 308 6.64 9.68 3.29
CA ALA A 308 5.77 10.61 2.53
C ALA A 308 6.35 12.03 2.53
N ARG A 309 6.88 12.51 3.67
CA ARG A 309 7.52 13.86 3.69
C ARG A 309 8.77 13.89 2.84
N MET A 310 9.54 12.79 2.79
CA MET A 310 10.73 12.76 1.92
C MET A 310 10.29 12.88 0.47
N LEU A 311 9.16 12.25 0.09
CA LEU A 311 8.66 12.31 -1.30
C LEU A 311 8.19 13.75 -1.59
N LEU A 312 7.39 14.33 -0.68
CA LEU A 312 6.74 15.64 -0.90
C LEU A 312 7.80 16.74 -0.93
N ASP A 313 8.87 16.57 -0.19
CA ASP A 313 9.96 17.58 -0.14
C ASP A 313 10.66 17.66 -1.48
N ASN A 314 10.52 16.64 -2.32
CA ASN A 314 11.21 16.51 -3.63
C ASN A 314 10.23 16.60 -4.80
N ILE A 315 9.03 17.14 -4.56
CA ILE A 315 8.04 17.38 -5.63
C ILE A 315 7.86 18.89 -5.80
N TYR A 316 8.07 19.36 -7.01
CA TYR A 316 7.84 20.79 -7.33
C TYR A 316 6.35 21.10 -7.18
N LEU A 317 6.05 22.18 -6.48
CA LEU A 317 4.66 22.70 -6.31
C LEU A 317 4.60 24.09 -6.94
N GLN A 318 5.33 25.03 -6.34
CA GLN A 318 5.39 26.44 -6.82
C GLN A 318 6.59 27.10 -6.17
N ASP A 319 7.54 27.60 -6.97
CA ASP A 319 8.81 28.17 -6.44
C ASP A 319 9.41 27.25 -5.37
N GLY A 320 9.62 27.76 -4.16
CA GLY A 320 10.24 26.97 -3.08
C GLY A 320 9.22 26.33 -2.17
N LEU A 321 7.93 26.53 -2.46
CA LEU A 321 6.85 26.00 -1.59
C LEU A 321 6.85 24.46 -1.62
N ILE A 322 6.38 23.86 -0.54
CA ILE A 322 6.37 22.37 -0.44
C ILE A 322 5.01 21.94 0.08
N ALA A 323 4.43 20.92 -0.55
CA ALA A 323 3.11 20.39 -0.15
C ALA A 323 3.20 19.86 1.27
N SER A 324 2.14 20.10 2.03
CA SER A 324 1.93 19.60 3.40
C SER A 324 1.24 18.24 3.28
N LEU A 325 1.37 17.39 4.29
CA LEU A 325 0.48 16.22 4.43
C LEU A 325 -0.96 16.70 4.61
N TYR A 326 -1.88 15.88 4.12
CA TYR A 326 -3.33 16.03 4.30
C TYR A 326 -3.56 16.20 5.80
N ARG A 327 -4.29 17.25 6.15
CA ARG A 327 -4.33 17.73 7.55
C ARG A 327 -4.63 16.59 8.52
N PRO A 328 -5.65 15.74 8.32
CA PRO A 328 -5.96 14.71 9.32
C PRO A 328 -4.86 13.68 9.60
N GLU A 329 -3.85 13.59 8.74
CA GLU A 329 -2.80 12.58 8.99
C GLU A 329 -1.47 13.30 9.20
N ALA A 330 -1.47 14.62 9.33
CA ALA A 330 -0.21 15.42 9.37
C ALA A 330 0.50 15.25 10.72
N ASP A 331 -0.17 14.86 11.81
CA ASP A 331 0.53 14.73 13.13
C ASP A 331 1.14 13.34 13.31
N LYS A 332 1.02 12.44 12.34
CA LYS A 332 1.57 11.05 12.44
C LYS A 332 3.10 11.11 12.36
N VAL A 333 3.65 12.24 11.95
CA VAL A 333 5.13 12.35 11.82
C VAL A 333 5.57 13.67 12.43
N ALA A 334 6.78 13.72 12.96
CA ALA A 334 7.42 14.94 13.46
C ALA A 334 8.52 15.28 12.46
N ALA A 335 8.17 16.03 11.44
CA ALA A 335 9.12 16.32 10.36
C ALA A 335 9.08 17.80 10.10
N ILE A 336 10.25 18.36 9.85
CA ILE A 336 10.40 19.75 9.39
C ILE A 336 10.14 19.74 7.88
N GLU A 337 9.04 20.35 7.43
CA GLU A 337 8.69 20.46 5.98
C GLU A 337 9.90 21.07 5.23
N GLY A 338 10.38 20.40 4.18
CA GLY A 338 11.58 20.84 3.43
C GLY A 338 12.88 20.25 3.97
N GLU A 339 12.90 19.53 5.09
CA GLU A 339 14.18 19.02 5.63
C GLU A 339 14.80 17.99 4.69
N PHE A 340 14.02 17.35 3.82
CA PHE A 340 14.48 16.23 2.94
C PHE A 340 14.63 16.72 1.51
N LYS A 341 14.51 18.01 1.24
CA LYS A 341 14.67 18.56 -0.11
C LYS A 341 16.10 18.32 -0.60
N LEU A 342 16.23 17.67 -1.75
CA LEU A 342 17.55 17.33 -2.31
C LEU A 342 17.86 18.25 -3.50
N ARG A 343 19.14 18.49 -3.73
CA ARG A 343 19.65 19.20 -4.94
C ARG A 343 19.41 18.30 -6.16
N THR A 344 19.38 18.88 -7.36
CA THR A 344 18.88 18.22 -8.60
C THR A 344 19.51 16.82 -8.75
N GLU A 345 20.84 16.66 -8.68
CA GLU A 345 21.47 15.35 -9.01
C GLU A 345 21.19 14.34 -7.90
N GLN A 346 21.18 14.77 -6.64
CA GLN A 346 20.86 13.84 -5.52
C GLN A 346 19.37 13.46 -5.64
N ARG A 347 18.49 14.39 -6.06
CA ARG A 347 17.07 14.07 -6.25
C ARG A 347 16.92 12.99 -7.33
N LYS A 348 17.62 13.10 -8.45
CA LYS A 348 17.52 12.12 -9.54
C LYS A 348 17.96 10.75 -9.01
N THR A 349 19.02 10.72 -8.22
CA THR A 349 19.54 9.46 -7.62
C THR A 349 18.47 8.85 -6.71
N PHE A 350 17.91 9.67 -5.81
CA PHE A 350 16.79 9.27 -4.92
C PHE A 350 15.68 8.60 -5.72
N VAL A 351 15.24 9.27 -6.77
CA VAL A 351 14.12 8.77 -7.61
C VAL A 351 14.54 7.44 -8.22
N GLU A 352 15.75 7.35 -8.76
CA GLU A 352 16.16 6.11 -9.45
C GLU A 352 16.32 4.97 -8.44
N LEU A 353 16.80 5.23 -7.24
CA LEU A 353 16.95 4.16 -6.21
C LEU A 353 15.58 3.59 -5.87
N MET A 354 14.53 4.42 -5.96
CA MET A 354 13.18 3.91 -5.70
C MET A 354 12.63 3.22 -6.94
N LYS A 355 12.65 3.88 -8.08
CA LYS A 355 11.98 3.40 -9.30
C LYS A 355 12.66 2.16 -9.90
N ARG A 356 13.96 2.21 -10.11
CA ARG A 356 14.75 1.08 -10.69
C ARG A 356 15.28 0.23 -9.53
N GLY A 357 15.81 0.87 -8.48
CA GLY A 357 16.42 0.14 -7.34
C GLY A 357 15.41 -0.63 -6.51
N ASP A 358 14.15 -0.22 -6.53
CA ASP A 358 13.07 -0.82 -5.72
C ASP A 358 13.45 -0.78 -4.25
N LEU A 359 14.22 0.22 -3.85
CA LEU A 359 14.54 0.39 -2.42
C LEU A 359 13.40 1.13 -1.73
N PRO A 360 13.21 0.86 -0.41
CA PRO A 360 12.30 1.66 0.39
C PRO A 360 12.70 3.13 0.34
N VAL A 361 11.72 4.03 0.45
CA VAL A 361 11.96 5.49 0.37
C VAL A 361 13.06 5.89 1.34
N TRP A 362 12.96 5.47 2.60
CA TRP A 362 13.91 5.91 3.63
C TRP A 362 15.33 5.54 3.20
N LEU A 363 15.54 4.32 2.74
CA LEU A 363 16.90 3.84 2.41
C LEU A 363 17.41 4.58 1.17
N ALA A 364 16.56 4.71 0.14
CA ALA A 364 16.88 5.52 -1.06
C ALA A 364 17.34 6.91 -0.65
N TYR A 365 16.67 7.53 0.31
CA TYR A 365 17.04 8.88 0.76
C TYR A 365 18.41 8.88 1.44
N GLN A 366 18.71 7.88 2.28
CA GLN A 366 20.03 7.83 2.96
C GLN A 366 21.11 7.80 1.89
N VAL A 367 20.94 6.93 0.90
CA VAL A 367 22.00 6.73 -0.13
C VAL A 367 22.15 8.02 -0.93
N ALA A 368 21.05 8.57 -1.42
CA ALA A 368 21.09 9.74 -2.30
C ALA A 368 21.65 10.94 -1.52
N SER A 369 21.22 11.14 -0.28
CA SER A 369 21.63 12.33 0.51
C SER A 369 23.09 12.24 0.90
N ALA A 370 23.65 11.04 0.91
CA ALA A 370 25.08 10.80 1.15
C ALA A 370 25.95 11.16 -0.08
N GLY A 371 25.36 11.52 -1.23
CA GLY A 371 26.12 11.85 -2.45
C GLY A 371 26.62 10.62 -3.21
N ILE A 372 26.05 9.45 -2.93
CA ILE A 372 26.33 8.19 -3.67
C ILE A 372 25.52 8.18 -4.95
N THR A 373 26.14 7.76 -6.06
CA THR A 373 25.42 7.64 -7.34
C THR A 373 24.70 6.30 -7.44
N TYR A 374 23.74 6.20 -8.35
CA TYR A 374 22.77 5.07 -8.38
C TYR A 374 23.52 3.73 -8.47
N THR A 375 24.55 3.64 -9.32
CA THR A 375 25.22 2.35 -9.61
C THR A 375 26.36 2.02 -8.62
N ASP A 376 26.64 2.90 -7.66
CA ASP A 376 27.72 2.73 -6.66
C ASP A 376 27.15 1.93 -5.49
N ARG A 377 27.51 0.66 -5.39
CA ARG A 377 26.94 -0.28 -4.41
C ARG A 377 27.91 -0.56 -3.26
N ARG A 378 29.03 0.18 -3.18
CA ARG A 378 30.01 -0.07 -2.09
C ARG A 378 29.33 0.00 -0.72
N TRP A 379 28.39 0.92 -0.52
CA TRP A 379 27.63 1.06 0.76
C TRP A 379 26.89 -0.24 1.16
N CYS A 380 26.62 -1.16 0.26
CA CYS A 380 25.90 -2.42 0.64
C CYS A 380 26.81 -3.34 1.44
N PHE A 381 28.10 -3.05 1.54
CA PHE A 381 29.10 -3.95 2.15
C PHE A 381 29.88 -3.29 3.29
N ASP A 382 29.78 -2.00 3.54
CA ASP A 382 30.76 -1.30 4.44
C ASP A 382 30.07 -0.82 5.72
N GLY A 383 28.95 -1.45 6.08
CA GLY A 383 28.27 -1.12 7.35
C GLY A 383 28.95 -1.77 8.56
N THR A 384 28.49 -1.40 9.77
CA THR A 384 28.93 -2.01 11.05
C THR A 384 28.56 -3.49 11.05
N THR A 385 29.23 -4.30 11.86
CA THR A 385 28.96 -5.76 11.97
C THR A 385 27.47 -5.99 12.32
N ASN A 386 26.88 -5.11 13.12
CA ASN A 386 25.50 -5.36 13.58
C ASN A 386 24.52 -5.11 12.41
N ASN A 387 24.97 -4.57 11.27
CA ASN A 387 24.13 -4.38 10.05
C ASN A 387 24.25 -5.61 9.13
N THR A 388 24.98 -6.66 9.55
CA THR A 388 25.08 -7.91 8.77
C THR A 388 23.69 -8.49 8.50
N ILE A 389 23.34 -8.70 7.23
CA ILE A 389 22.03 -9.33 6.91
C ILE A 389 22.20 -10.85 6.96
N MET A 390 21.25 -11.51 7.61
CA MET A 390 21.32 -12.96 7.85
C MET A 390 20.34 -13.67 6.92
N GLU A 391 20.78 -14.78 6.31
N GLU A 391 20.79 -14.79 6.35
CA GLU A 391 19.94 -15.68 5.48
CA GLU A 391 20.03 -15.70 5.46
C GLU A 391 20.12 -17.11 6.00
C GLU A 391 20.15 -17.12 6.04
N ASP A 392 19.05 -17.68 6.58
CA ASP A 392 19.05 -19.05 7.18
C ASP A 392 20.13 -19.12 8.28
N SER A 393 20.16 -18.09 9.13
CA SER A 393 20.97 -17.98 10.35
C SER A 393 22.48 -17.98 10.03
N VAL A 394 22.88 -17.60 8.80
CA VAL A 394 24.29 -17.37 8.37
C VAL A 394 24.31 -16.01 7.68
N PRO A 395 25.40 -15.21 7.71
CA PRO A 395 25.44 -13.96 6.96
C PRO A 395 25.13 -14.23 5.46
N ALA A 396 24.23 -13.43 4.88
CA ALA A 396 23.95 -13.46 3.42
C ALA A 396 25.22 -13.02 2.71
N GLU A 397 25.44 -13.61 1.55
CA GLU A 397 26.66 -13.34 0.78
C GLU A 397 26.25 -13.11 -0.67
N VAL A 398 26.93 -12.20 -1.34
CA VAL A 398 26.73 -11.98 -2.79
C VAL A 398 28.09 -11.82 -3.45
N TRP A 399 28.10 -12.04 -4.75
CA TRP A 399 29.27 -11.63 -5.56
C TRP A 399 29.04 -10.19 -5.99
N THR A 400 29.97 -9.33 -5.62
CA THR A 400 29.94 -7.91 -6.01
C THR A 400 30.07 -7.87 -7.55
N LYS A 401 29.72 -6.72 -8.10
CA LYS A 401 29.93 -6.44 -9.53
C LYS A 401 31.44 -6.55 -9.87
N TYR A 402 32.34 -6.58 -8.89
CA TYR A 402 33.81 -6.73 -9.11
C TYR A 402 34.20 -8.21 -9.15
N GLY A 403 33.30 -9.11 -8.82
CA GLY A 403 33.55 -10.56 -8.85
C GLY A 403 34.06 -11.05 -7.51
N GLU A 404 33.89 -10.28 -6.43
CA GLU A 404 34.41 -10.60 -5.07
C GLU A 404 33.24 -11.11 -4.21
N LYS A 405 33.39 -12.22 -3.49
CA LYS A 405 32.32 -12.69 -2.57
C LYS A 405 32.41 -11.83 -1.31
N ARG A 406 31.32 -11.18 -0.95
CA ARG A 406 31.26 -10.38 0.28
C ARG A 406 29.98 -10.64 1.05
N VAL A 407 30.11 -10.45 2.33
CA VAL A 407 28.98 -10.42 3.27
C VAL A 407 28.17 -9.14 3.03
N LEU A 408 26.87 -9.34 2.97
CA LEU A 408 25.91 -8.23 2.82
C LEU A 408 25.78 -7.51 4.17
N LYS A 409 26.25 -6.28 4.21
CA LYS A 409 26.37 -5.50 5.46
C LYS A 409 26.18 -4.03 5.11
N PRO A 410 24.92 -3.63 4.86
CA PRO A 410 24.68 -2.28 4.34
C PRO A 410 25.00 -1.20 5.38
N ARG A 411 25.47 -0.07 4.88
CA ARG A 411 25.86 1.06 5.74
C ARG A 411 24.63 1.55 6.51
N TRP A 412 23.46 1.52 5.87
CA TRP A 412 22.14 1.80 6.47
C TRP A 412 21.32 0.51 6.39
N MET A 413 20.75 0.10 7.52
CA MET A 413 20.01 -1.16 7.61
C MET A 413 18.50 -0.83 7.65
N ASP A 414 17.80 -1.19 6.61
CA ASP A 414 16.34 -1.08 6.55
C ASP A 414 15.79 -2.51 6.48
N ALA A 415 15.10 -2.93 7.53
CA ALA A 415 14.55 -4.31 7.73
C ALA A 415 13.65 -4.73 6.55
N ARG A 416 13.10 -3.78 5.83
CA ARG A 416 12.24 -4.09 4.67
C ARG A 416 13.02 -4.71 3.53
N VAL A 417 14.36 -4.55 3.47
CA VAL A 417 15.09 -5.19 2.33
C VAL A 417 15.30 -6.69 2.58
N CYS A 418 14.93 -7.21 3.75
CA CYS A 418 15.15 -8.65 4.07
C CYS A 418 14.00 -9.19 4.93
N SER A 419 12.79 -8.64 4.77
CA SER A 419 11.61 -8.99 5.61
C SER A 419 11.09 -10.40 5.26
N ASP A 420 11.44 -10.90 4.07
CA ASP A 420 11.04 -12.22 3.57
C ASP A 420 12.04 -12.65 2.49
N HIS A 421 11.98 -13.90 2.06
CA HIS A 421 12.99 -14.47 1.14
C HIS A 421 13.01 -13.62 -0.13
N ALA A 422 11.84 -13.23 -0.68
CA ALA A 422 11.74 -12.49 -1.96
C ALA A 422 12.41 -11.12 -1.82
N ALA A 423 12.19 -10.44 -0.71
CA ALA A 423 12.81 -9.12 -0.47
C ALA A 423 14.34 -9.29 -0.46
N LEU A 424 14.84 -10.23 0.33
CA LEU A 424 16.29 -10.47 0.45
C LEU A 424 16.83 -10.83 -0.93
N LYS A 425 16.12 -11.67 -1.69
CA LYS A 425 16.61 -12.05 -3.05
C LYS A 425 16.81 -10.77 -3.86
N SER A 426 15.81 -9.89 -3.85
CA SER A 426 15.84 -8.62 -4.61
C SER A 426 17.00 -7.75 -4.14
N PHE A 427 17.21 -7.66 -2.83
CA PHE A 427 18.28 -6.78 -2.31
C PHE A 427 19.66 -7.34 -2.69
N LYS A 428 19.82 -8.66 -2.63
CA LYS A 428 21.07 -9.33 -3.05
C LYS A 428 21.38 -8.94 -4.49
N GLU A 429 20.38 -8.97 -5.36
CA GLU A 429 20.54 -8.65 -6.79
C GLU A 429 20.97 -7.19 -6.88
N PHE A 430 20.35 -6.33 -6.06
CA PHE A 430 20.73 -4.91 -6.04
C PHE A 430 22.18 -4.77 -5.63
N ALA A 431 22.58 -5.40 -4.53
CA ALA A 431 23.95 -5.24 -3.98
C ALA A 431 24.99 -5.73 -4.99
N ALA A 432 24.60 -6.70 -5.82
CA ALA A 432 25.48 -7.33 -6.85
C ALA A 432 25.59 -6.47 -8.11
N GLY A 433 24.81 -5.39 -8.21
CA GLY A 433 24.82 -4.49 -9.37
C GLY A 433 23.96 -5.02 -10.51
N LYS A 434 23.02 -5.90 -10.26
CA LYS A 434 22.24 -6.56 -11.32
C LYS A 434 21.03 -5.72 -11.74
N ARG A 435 20.75 -4.61 -11.09
CA ARG A 435 19.77 -3.62 -11.63
C ARG A 435 20.17 -2.22 -11.17
#